data_1PG5
#
_entry.id   1PG5
#
_cell.length_a   132.853
_cell.length_b   132.853
_cell.length_c   140.279
_cell.angle_alpha   90.00
_cell.angle_beta   90.00
_cell.angle_gamma   120.00
#
_symmetry.space_group_name_H-M   'P 63 2 2'
#
loop_
_entity.id
_entity.type
_entity.pdbx_description
1 polymer 'Aspartate carbamoyltransferase'
2 polymer 'Aspartate carbamoyltransferase regulatory chain'
3 non-polymer 'ZINC ION'
4 water water
#
loop_
_entity_poly.entity_id
_entity_poly.type
_entity_poly.pdbx_seq_one_letter_code
_entity_poly.pdbx_strand_id
1 'polypeptide(L)'
;LKHIISAYNFSRDELEDIFALTDKYSKNLNDTRKILSGKTISIAFFEPSTRTYLSFQKAIINLGGDVIGFSGEESTSVAK
GENLADTIRMLNNYSDGIVMRHKYDGASRFASEISDIPVINAGDGKHEHPTQAVIDIYTINKHFNTIDGLVFALLGDLKY
ARTVNSLLRILTRFRPKLVYLISPQLLRARKEILDELNYPVKEVENPFEVINEVDVLYVTRIQKERFVDEMEYEKIKGSY
IVSLDLANKMKKDSIILHPLPRVNEIDRKVDKTTKAKYFEQASYGVPVRMSILTKIYGE
;
A
2 'polypeptide(L)'
;MEFMMEIQGNRKELMVSKIKNGTVIDHIPAGRAFAVLNVLGIKGHEGFRIALVINVDSKKMGKKDIVKIEDKEISDTEAN
LITLIAPTATINIVREYEVVKKTKLEVPKVVKGILKCPNPYCITSNDVEAIPTFKTLTEKPLKMRCEYCETIIDENEIMS
QILGANNK
;
B
#
loop_
_chem_comp.id
_chem_comp.type
_chem_comp.name
_chem_comp.formula
ZN non-polymer 'ZINC ION' 'Zn 2'
#
# COMPACT_ATOMS: atom_id res chain seq x y z
N LEU A 1 3.23 7.79 -16.91
CA LEU A 1 2.26 6.90 -16.30
C LEU A 1 2.00 5.63 -17.13
N LYS A 2 1.88 4.56 -16.35
CA LYS A 2 1.61 3.19 -16.84
C LYS A 2 0.74 2.45 -15.82
N HIS A 3 1.31 1.77 -14.85
CA HIS A 3 0.48 1.25 -13.72
C HIS A 3 0.05 2.34 -12.73
N ILE A 4 -1.20 2.32 -12.25
CA ILE A 4 -1.62 3.29 -11.28
C ILE A 4 -2.00 2.46 -10.08
N ILE A 5 -1.09 2.22 -9.19
CA ILE A 5 -1.39 1.33 -8.07
C ILE A 5 -1.46 2.06 -6.71
N SER A 6 -0.69 3.11 -6.60
CA SER A 6 -0.62 3.94 -5.43
C SER A 6 -0.75 5.39 -5.83
N ALA A 7 -1.22 6.18 -4.88
CA ALA A 7 -1.21 7.63 -5.09
C ALA A 7 0.20 8.18 -5.29
N TYR A 8 1.23 7.49 -4.83
CA TYR A 8 2.64 7.82 -5.06
C TYR A 8 3.12 7.67 -6.53
N ASN A 9 2.42 6.93 -7.35
CA ASN A 9 2.69 6.87 -8.77
C ASN A 9 2.58 8.21 -9.47
N PHE A 10 1.82 9.17 -8.94
CA PHE A 10 1.66 10.50 -9.52
C PHE A 10 2.70 11.54 -9.01
N SER A 11 3.31 12.30 -9.89
CA SER A 11 4.02 13.50 -9.51
C SER A 11 3.11 14.75 -9.48
N ARG A 12 3.61 15.81 -8.85
CA ARG A 12 2.88 17.06 -8.87
C ARG A 12 2.62 17.57 -10.29
N ASP A 13 3.63 17.45 -11.15
CA ASP A 13 3.49 17.77 -12.57
C ASP A 13 2.43 16.90 -13.26
N GLU A 14 2.33 15.62 -12.94
CA GLU A 14 1.37 14.81 -13.67
C GLU A 14 -0.01 15.16 -13.22
N LEU A 15 -0.16 15.42 -11.93
CA LEU A 15 -1.43 15.84 -11.42
C LEU A 15 -1.95 17.19 -12.05
N GLU A 16 -1.10 18.17 -12.27
CA GLU A 16 -1.55 19.46 -12.80
C GLU A 16 -2.00 19.27 -14.21
N ASP A 17 -1.37 18.35 -14.88
CA ASP A 17 -1.79 17.98 -16.20
C ASP A 17 -3.15 17.30 -16.33
N ILE A 18 -3.39 16.36 -15.42
CA ILE A 18 -4.64 15.65 -15.32
C ILE A 18 -5.71 16.64 -14.98
N PHE A 19 -5.44 17.65 -14.15
CA PHE A 19 -6.48 18.62 -13.85
C PHE A 19 -6.88 19.36 -15.13
N ALA A 20 -5.91 19.78 -15.90
CA ALA A 20 -6.23 20.52 -17.14
C ALA A 20 -7.01 19.68 -18.11
N LEU A 21 -6.67 18.41 -18.21
CA LEU A 21 -7.40 17.57 -19.12
C LEU A 21 -8.80 17.36 -18.56
N THR A 22 -8.94 17.27 -17.24
CA THR A 22 -10.26 17.12 -16.68
C THR A 22 -11.16 18.35 -16.98
N ASP A 23 -10.64 19.56 -16.87
CA ASP A 23 -11.36 20.77 -17.25
C ASP A 23 -11.91 20.58 -18.67
N LYS A 24 -11.04 20.14 -19.56
CA LYS A 24 -11.36 20.10 -20.98
C LYS A 24 -12.48 19.08 -21.21
N TYR A 25 -12.37 17.90 -20.59
CA TYR A 25 -13.31 16.80 -20.78
C TYR A 25 -14.66 17.01 -20.10
N SER A 26 -14.67 17.65 -18.96
CA SER A 26 -15.82 18.16 -18.28
C SER A 26 -16.74 18.98 -19.18
N LYS A 27 -16.12 19.91 -19.92
CA LYS A 27 -16.79 20.90 -20.79
C LYS A 27 -17.18 20.13 -22.01
N ASN A 28 -18.14 19.21 -21.81
CA ASN A 28 -18.26 17.86 -22.42
C ASN A 28 -18.42 17.76 -23.95
N LEU A 29 -17.50 18.37 -24.69
CA LEU A 29 -17.72 18.58 -26.10
C LEU A 29 -17.85 17.22 -26.85
N ASN A 30 -18.37 17.33 -28.06
CA ASN A 30 -18.70 16.19 -28.90
C ASN A 30 -17.54 15.81 -29.86
N ASP A 31 -16.38 16.46 -29.63
CA ASP A 31 -15.15 16.23 -30.40
C ASP A 31 -14.04 15.61 -29.55
N THR A 32 -14.36 14.90 -28.45
CA THR A 32 -13.24 14.32 -27.68
C THR A 32 -12.52 13.25 -28.54
N ARG A 33 -11.18 13.38 -28.47
CA ARG A 33 -10.23 12.56 -29.18
C ARG A 33 -10.30 11.10 -28.61
N LYS A 34 -10.50 10.14 -29.52
CA LYS A 34 -10.83 8.79 -29.17
C LYS A 34 -9.55 7.96 -29.08
N ILE A 35 -8.74 8.28 -28.08
CA ILE A 35 -7.45 7.71 -27.84
C ILE A 35 -7.41 6.21 -27.55
N LEU A 36 -8.58 5.62 -27.31
CA LEU A 36 -8.74 4.22 -26.98
C LEU A 36 -9.46 3.54 -28.08
N SER A 37 -9.51 4.18 -29.23
CA SER A 37 -10.17 3.59 -30.37
C SER A 37 -9.38 2.31 -30.77
N GLY A 38 -10.09 1.21 -31.08
CA GLY A 38 -9.45 -0.07 -31.32
C GLY A 38 -8.86 -0.71 -30.08
N LYS A 39 -9.02 -0.18 -28.87
CA LYS A 39 -8.44 -0.84 -27.69
C LYS A 39 -9.50 -1.45 -26.81
N THR A 40 -9.20 -2.53 -26.13
CA THR A 40 -10.16 -3.15 -25.19
C THR A 40 -9.56 -3.00 -23.79
N ILE A 41 -10.28 -2.37 -22.87
CA ILE A 41 -9.91 -2.37 -21.44
C ILE A 41 -10.69 -3.39 -20.68
N SER A 42 -10.08 -4.24 -19.88
CA SER A 42 -10.94 -5.15 -19.12
C SER A 42 -11.08 -4.60 -17.72
N ILE A 43 -12.28 -4.69 -17.20
CA ILE A 43 -12.60 -4.23 -15.85
C ILE A 43 -12.84 -5.52 -15.01
N ALA A 44 -11.87 -5.81 -14.15
CA ALA A 44 -11.78 -7.04 -13.38
C ALA A 44 -12.08 -6.75 -11.87
N PHE A 45 -13.33 -6.73 -11.50
CA PHE A 45 -13.70 -6.26 -10.18
C PHE A 45 -14.00 -7.52 -9.38
N PHE A 46 -12.95 -8.16 -8.90
CA PHE A 46 -13.05 -9.35 -8.05
C PHE A 46 -13.90 -9.03 -6.84
N GLU A 47 -13.83 -7.81 -6.36
CA GLU A 47 -14.67 -7.32 -5.26
C GLU A 47 -15.54 -6.34 -6.02
N PRO A 48 -16.84 -6.54 -6.01
CA PRO A 48 -17.74 -5.66 -6.82
C PRO A 48 -17.88 -4.23 -6.34
N SER A 49 -18.12 -3.29 -7.25
CA SER A 49 -18.65 -1.95 -6.93
C SER A 49 -19.25 -1.40 -8.22
N THR A 50 -20.55 -1.35 -8.30
CA THR A 50 -21.21 -0.87 -9.48
C THR A 50 -20.95 0.56 -9.81
N ARG A 51 -20.92 1.42 -8.77
CA ARG A 51 -20.68 2.85 -8.97
C ARG A 51 -19.36 3.02 -9.73
N THR A 52 -18.32 2.33 -9.26
CA THR A 52 -16.98 2.51 -9.82
C THR A 52 -16.83 1.72 -11.09
N TYR A 53 -17.43 0.55 -11.21
CA TYR A 53 -17.41 -0.15 -12.48
C TYR A 53 -17.94 0.77 -13.58
N LEU A 54 -19.05 1.43 -13.33
CA LEU A 54 -19.77 2.12 -14.39
C LEU A 54 -18.98 3.35 -14.71
N SER A 55 -18.28 3.84 -13.72
CA SER A 55 -17.60 5.08 -13.91
C SER A 55 -16.36 4.87 -14.86
N PHE A 56 -15.62 3.76 -14.69
CA PHE A 56 -14.50 3.50 -15.56
C PHE A 56 -15.02 3.11 -16.96
N GLN A 57 -16.10 2.31 -17.00
CA GLN A 57 -16.77 1.92 -18.21
C GLN A 57 -17.11 3.09 -19.05
N LYS A 58 -17.65 4.13 -18.46
CA LYS A 58 -18.12 5.29 -19.19
C LYS A 58 -16.88 6.09 -19.66
N ALA A 59 -15.86 6.22 -18.81
CA ALA A 59 -14.65 6.87 -19.26
C ALA A 59 -14.03 6.19 -20.48
N ILE A 60 -13.96 4.87 -20.42
CA ILE A 60 -13.39 4.09 -21.47
C ILE A 60 -14.25 4.22 -22.74
N ILE A 61 -15.56 4.14 -22.65
CA ILE A 61 -16.40 4.41 -23.81
C ILE A 61 -16.28 5.86 -24.41
N ASN A 62 -16.19 6.88 -23.54
CA ASN A 62 -16.13 8.26 -23.97
C ASN A 62 -14.85 8.41 -24.83
N LEU A 63 -13.84 7.58 -24.57
CA LEU A 63 -12.57 7.62 -25.29
C LEU A 63 -12.50 6.61 -26.41
N GLY A 64 -13.62 5.94 -26.72
CA GLY A 64 -13.61 5.12 -27.92
C GLY A 64 -13.21 3.67 -27.67
N GLY A 65 -12.80 3.30 -26.45
CA GLY A 65 -12.56 1.90 -26.16
C GLY A 65 -13.78 0.97 -26.05
N ASP A 66 -13.58 -0.31 -26.33
CA ASP A 66 -14.42 -1.44 -25.91
C ASP A 66 -14.09 -1.91 -24.50
N VAL A 67 -15.16 -2.26 -23.80
CA VAL A 67 -15.12 -2.78 -22.46
C VAL A 67 -15.50 -4.27 -22.33
N ILE A 68 -14.66 -5.06 -21.66
CA ILE A 68 -15.03 -6.36 -21.14
C ILE A 68 -14.79 -6.42 -19.64
N GLY A 69 -15.45 -7.30 -18.94
CA GLY A 69 -15.15 -7.23 -17.53
C GLY A 69 -15.87 -8.28 -16.79
N PHE A 70 -15.67 -8.34 -15.50
CA PHE A 70 -16.54 -9.16 -14.67
C PHE A 70 -16.68 -8.54 -13.32
N SER A 71 -17.58 -9.09 -12.56
CA SER A 71 -17.82 -8.54 -11.24
C SER A 71 -18.12 -9.68 -10.27
N GLY A 72 -17.26 -9.95 -9.28
CA GLY A 72 -17.50 -10.96 -8.24
C GLY A 72 -16.70 -12.27 -8.41
N GLU A 73 -16.96 -13.26 -7.55
CA GLU A 73 -16.42 -14.68 -7.58
C GLU A 73 -14.86 -14.93 -7.64
N GLY A 81 -10.81 -22.67 -7.49
CA GLY A 81 -9.75 -21.85 -6.85
C GLY A 81 -8.58 -21.25 -7.72
N GLU A 82 -8.92 -20.33 -8.65
CA GLU A 82 -8.01 -19.68 -9.59
C GLU A 82 -7.28 -18.44 -8.99
N ASN A 83 -5.97 -18.58 -8.91
CA ASN A 83 -4.90 -17.61 -8.69
C ASN A 83 -5.11 -16.18 -9.36
N LEU A 84 -4.91 -15.10 -8.64
CA LEU A 84 -4.93 -13.74 -9.25
C LEU A 84 -3.96 -13.72 -10.46
N ALA A 85 -2.76 -14.27 -10.31
CA ALA A 85 -1.80 -14.34 -11.42
C ALA A 85 -2.38 -15.02 -12.66
N ASP A 86 -3.16 -16.08 -12.55
CA ASP A 86 -3.67 -16.69 -13.77
C ASP A 86 -4.71 -15.80 -14.46
N THR A 87 -5.44 -15.05 -13.66
CA THR A 87 -6.48 -14.23 -14.20
C THR A 87 -5.81 -13.09 -14.89
N ILE A 88 -4.80 -12.48 -14.26
CA ILE A 88 -4.06 -11.43 -14.91
C ILE A 88 -3.48 -11.89 -16.25
N ARG A 89 -2.93 -13.09 -16.28
CA ARG A 89 -2.40 -13.60 -17.54
C ARG A 89 -3.43 -13.65 -18.65
N MET A 90 -4.61 -14.18 -18.35
CA MET A 90 -5.72 -14.33 -19.28
C MET A 90 -6.12 -12.92 -19.74
N LEU A 91 -6.29 -11.95 -18.84
CA LEU A 91 -6.68 -10.61 -19.29
C LEU A 91 -5.66 -10.01 -20.22
N ASN A 92 -4.40 -10.30 -20.03
CA ASN A 92 -3.38 -9.97 -20.96
C ASN A 92 -3.60 -10.61 -22.34
N ASN A 93 -4.08 -11.83 -22.52
CA ASN A 93 -4.49 -12.24 -23.88
C ASN A 93 -5.62 -11.38 -24.39
N TYR A 94 -6.57 -11.01 -23.56
CA TYR A 94 -7.86 -10.43 -24.01
C TYR A 94 -7.91 -8.93 -24.11
N SER A 95 -6.93 -8.21 -23.57
CA SER A 95 -7.13 -6.82 -23.45
C SER A 95 -5.85 -6.05 -23.44
N ASP A 96 -5.99 -4.74 -23.51
CA ASP A 96 -4.92 -3.73 -23.61
C ASP A 96 -4.65 -2.96 -22.34
N GLY A 97 -5.49 -3.20 -21.32
CA GLY A 97 -5.26 -2.69 -19.97
C GLY A 97 -6.25 -3.26 -19.00
N ILE A 98 -5.96 -3.17 -17.70
CA ILE A 98 -6.86 -3.76 -16.73
C ILE A 98 -7.23 -2.75 -15.64
N VAL A 99 -8.46 -2.60 -15.25
CA VAL A 99 -8.80 -1.80 -14.05
C VAL A 99 -9.29 -2.84 -13.06
N MET A 100 -8.70 -3.00 -11.87
CA MET A 100 -9.14 -4.04 -11.01
C MET A 100 -9.41 -3.53 -9.61
N ARG A 101 -10.29 -4.25 -8.93
CA ARG A 101 -10.74 -3.99 -7.60
C ARG A 101 -10.63 -5.32 -6.89
N HIS A 102 -9.94 -5.36 -5.77
CA HIS A 102 -9.75 -6.61 -5.08
C HIS A 102 -9.83 -6.53 -3.56
N LYS A 103 -10.23 -7.60 -2.89
CA LYS A 103 -10.23 -7.58 -1.42
C LYS A 103 -8.86 -7.71 -0.73
N TYR A 104 -7.80 -8.14 -1.41
CA TYR A 104 -6.51 -8.34 -0.75
C TYR A 104 -5.58 -7.15 -0.94
N ASP A 105 -5.00 -6.63 0.14
CA ASP A 105 -4.04 -5.51 0.06
C ASP A 105 -2.89 -5.90 -0.84
N GLY A 106 -2.52 -5.04 -1.77
CA GLY A 106 -1.32 -5.30 -2.55
C GLY A 106 -1.68 -6.03 -3.80
N ALA A 107 -2.97 -6.32 -4.00
CA ALA A 107 -3.32 -7.14 -5.15
C ALA A 107 -2.95 -6.49 -6.45
N SER A 108 -3.14 -5.20 -6.56
CA SER A 108 -2.89 -4.49 -7.80
C SER A 108 -1.41 -4.35 -8.04
N ARG A 109 -0.67 -4.08 -6.96
CA ARG A 109 0.76 -4.10 -7.04
C ARG A 109 1.25 -5.41 -7.66
N PHE A 110 0.78 -6.52 -7.12
CA PHE A 110 1.18 -7.79 -7.63
C PHE A 110 0.72 -7.98 -9.08
N ALA A 111 -0.50 -7.60 -9.42
CA ALA A 111 -0.93 -7.78 -10.83
C ALA A 111 -0.06 -7.03 -11.80
N SER A 112 0.30 -5.84 -11.38
CA SER A 112 1.07 -4.95 -12.20
C SER A 112 2.41 -5.54 -12.45
N GLU A 113 2.92 -6.40 -11.59
CA GLU A 113 4.22 -7.04 -11.87
C GLU A 113 4.10 -8.29 -12.73
N ILE A 114 2.96 -8.94 -12.77
CA ILE A 114 2.74 -10.10 -13.62
C ILE A 114 2.46 -9.61 -15.02
N SER A 115 1.84 -8.44 -15.14
CA SER A 115 1.14 -7.98 -16.34
C SER A 115 2.00 -7.16 -17.26
N ASP A 116 1.90 -7.34 -18.57
CA ASP A 116 2.47 -6.36 -19.53
C ASP A 116 1.63 -5.13 -19.83
N ILE A 117 0.31 -5.30 -19.94
CA ILE A 117 -0.55 -4.14 -20.13
C ILE A 117 -0.71 -3.40 -18.79
N PRO A 118 -1.02 -2.11 -18.85
CA PRO A 118 -1.29 -1.36 -17.62
C PRO A 118 -2.35 -1.90 -16.77
N VAL A 119 -2.22 -1.65 -15.47
CA VAL A 119 -3.10 -2.07 -14.39
C VAL A 119 -3.35 -0.85 -13.53
N ILE A 120 -4.62 -0.62 -13.34
CA ILE A 120 -5.15 0.51 -12.61
C ILE A 120 -5.82 -0.08 -11.40
N ASN A 121 -5.36 0.31 -10.24
CA ASN A 121 -5.96 -0.12 -8.96
C ASN A 121 -7.23 0.70 -8.67
N ALA A 122 -8.42 0.08 -8.69
CA ALA A 122 -9.62 0.76 -8.28
C ALA A 122 -10.11 0.38 -6.90
N GLY A 123 -9.17 -0.13 -6.12
CA GLY A 123 -9.38 -0.45 -4.72
C GLY A 123 -8.71 -1.75 -4.39
N ASP A 124 -7.74 -1.80 -3.48
CA ASP A 124 -7.23 -3.09 -3.06
C ASP A 124 -7.35 -3.20 -1.53
N GLY A 125 -8.23 -4.05 -1.03
CA GLY A 125 -8.30 -4.29 0.39
C GLY A 125 -8.56 -3.02 1.12
N LYS A 126 -7.84 -2.80 2.22
CA LYS A 126 -7.85 -1.51 2.94
C LYS A 126 -6.65 -0.69 2.63
N HIS A 127 -5.99 -0.97 1.56
CA HIS A 127 -4.72 -0.30 1.33
C HIS A 127 -4.87 1.07 0.60
N GLU A 128 -5.25 1.06 -0.68
CA GLU A 128 -5.41 2.28 -1.50
C GLU A 128 -6.59 2.30 -2.49
N HIS A 129 -6.95 3.48 -2.93
CA HIS A 129 -7.81 3.72 -4.10
C HIS A 129 -7.26 5.02 -4.78
N PRO A 130 -6.20 4.98 -5.57
CA PRO A 130 -5.56 6.23 -6.02
C PRO A 130 -6.41 7.10 -6.91
N THR A 131 -7.20 6.54 -7.83
CA THR A 131 -8.03 7.41 -8.66
C THR A 131 -9.05 8.25 -7.91
N GLN A 132 -9.58 7.73 -6.82
CA GLN A 132 -10.45 8.46 -5.95
C GLN A 132 -9.69 9.60 -5.33
N ALA A 133 -8.45 9.40 -4.93
CA ALA A 133 -7.72 10.55 -4.37
C ALA A 133 -7.50 11.65 -5.40
N VAL A 134 -7.19 11.25 -6.63
CA VAL A 134 -7.06 12.23 -7.72
C VAL A 134 -8.36 12.98 -7.92
N ILE A 135 -9.49 12.35 -7.71
CA ILE A 135 -10.75 13.04 -7.93
C ILE A 135 -10.99 14.08 -6.84
N ASP A 136 -10.65 13.72 -5.62
CA ASP A 136 -10.80 14.57 -4.43
C ASP A 136 -9.95 15.82 -4.54
N ILE A 137 -8.67 15.66 -4.88
CA ILE A 137 -7.82 16.87 -5.04
C ILE A 137 -8.18 17.68 -6.25
N TYR A 138 -8.67 17.03 -7.29
CA TYR A 138 -9.16 17.81 -8.44
C TYR A 138 -10.30 18.75 -8.00
N THR A 139 -11.20 18.26 -7.16
CA THR A 139 -12.40 19.00 -6.71
C THR A 139 -11.94 20.16 -5.83
N ILE A 140 -11.03 19.89 -4.93
CA ILE A 140 -10.43 20.91 -4.07
C ILE A 140 -9.70 22.01 -4.81
N ASN A 141 -8.85 21.63 -5.76
CA ASN A 141 -8.11 22.60 -6.56
C ASN A 141 -9.03 23.36 -7.47
N LYS A 142 -10.06 22.70 -7.93
CA LYS A 142 -11.02 23.45 -8.72
C LYS A 142 -11.64 24.55 -7.91
N HIS A 143 -12.01 24.29 -6.64
CA HIS A 143 -12.71 25.26 -5.84
C HIS A 143 -11.81 26.45 -5.38
N PHE A 144 -10.61 26.19 -4.82
CA PHE A 144 -9.70 27.16 -4.25
C PHE A 144 -8.57 27.60 -5.17
N ASN A 145 -8.57 27.18 -6.43
CA ASN A 145 -7.36 27.38 -7.31
C ASN A 145 -6.00 27.02 -6.73
N THR A 146 -6.01 26.05 -5.81
CA THR A 146 -4.83 25.63 -5.05
C THR A 146 -5.16 24.44 -4.15
N ILE A 147 -4.09 23.76 -3.77
CA ILE A 147 -4.04 22.73 -2.74
C ILE A 147 -3.03 23.11 -1.66
N ASP A 148 -1.96 23.76 -2.07
CA ASP A 148 -0.98 24.29 -1.10
C ASP A 148 -1.67 25.28 -0.20
N GLY A 149 -1.33 25.28 1.07
CA GLY A 149 -1.80 26.31 1.96
C GLY A 149 -3.12 25.98 2.61
N LEU A 150 -3.82 24.90 2.21
CA LEU A 150 -5.17 24.64 2.76
C LEU A 150 -5.09 23.93 4.10
N VAL A 151 -6.19 23.93 4.84
CA VAL A 151 -6.23 23.30 6.15
C VAL A 151 -7.35 22.32 5.98
N PHE A 152 -7.02 21.06 6.24
CA PHE A 152 -7.88 19.92 5.91
C PHE A 152 -8.37 19.34 7.21
N ALA A 153 -9.50 18.65 7.19
CA ALA A 153 -9.81 17.76 8.30
C ALA A 153 -10.52 16.57 7.75
N LEU A 154 -9.98 15.44 8.18
CA LEU A 154 -10.45 14.15 7.84
C LEU A 154 -11.22 13.68 9.06
N LEU A 155 -12.42 13.16 8.89
CA LEU A 155 -13.36 12.90 9.96
C LEU A 155 -13.96 11.51 9.80
N GLY A 156 -13.80 10.66 10.80
CA GLY A 156 -14.53 9.41 10.83
C GLY A 156 -13.55 8.28 11.03
N ASP A 157 -13.59 7.27 10.15
CA ASP A 157 -12.65 6.18 10.26
C ASP A 157 -11.41 6.45 9.45
N LEU A 158 -10.26 6.54 10.10
CA LEU A 158 -9.01 6.88 9.42
C LEU A 158 -7.99 5.80 9.41
N LYS A 159 -8.39 4.62 9.86
CA LYS A 159 -7.51 3.47 10.01
C LYS A 159 -7.71 2.48 8.89
N TYR A 160 -8.97 2.17 8.60
CA TYR A 160 -9.30 1.14 7.66
C TYR A 160 -9.94 1.71 6.40
N ALA A 161 -9.69 2.96 6.02
CA ALA A 161 -10.40 3.53 4.85
C ALA A 161 -9.37 3.75 3.72
N ARG A 162 -9.41 2.98 2.64
CA ARG A 162 -8.40 3.18 1.64
C ARG A 162 -8.34 4.54 0.93
N THR A 163 -9.45 5.26 0.95
CA THR A 163 -9.54 6.56 0.36
C THR A 163 -8.80 7.53 1.20
N VAL A 164 -8.88 7.43 2.51
CA VAL A 164 -8.05 8.30 3.40
C VAL A 164 -6.60 7.96 3.14
N ASN A 165 -6.26 6.69 3.02
CA ASN A 165 -4.86 6.40 2.86
C ASN A 165 -4.35 7.03 1.57
N SER A 166 -5.15 7.02 0.52
CA SER A 166 -4.68 7.51 -0.79
C SER A 166 -4.66 9.04 -0.79
N LEU A 167 -5.62 9.69 -0.14
CA LEU A 167 -5.63 11.10 -0.01
C LEU A 167 -4.43 11.56 0.84
N LEU A 168 -4.13 10.94 1.99
CA LEU A 168 -2.96 11.42 2.75
C LEU A 168 -1.66 11.29 1.96
N ARG A 169 -1.48 10.18 1.25
CA ARG A 169 -0.30 10.02 0.43
C ARG A 169 -0.20 11.03 -0.78
N ILE A 170 -1.30 11.31 -1.47
CA ILE A 170 -1.25 12.14 -2.64
C ILE A 170 -1.00 13.55 -2.17
N LEU A 171 -1.38 13.88 -0.96
CA LEU A 171 -1.22 15.28 -0.54
C LEU A 171 0.27 15.64 -0.32
N THR A 172 1.13 14.63 -0.21
CA THR A 172 2.55 14.81 -0.09
C THR A 172 3.14 15.35 -1.33
N ARG A 173 2.40 15.48 -2.45
CA ARG A 173 3.02 16.07 -3.66
C ARG A 173 2.79 17.58 -3.69
N PHE A 174 2.07 18.04 -2.66
CA PHE A 174 1.62 19.39 -2.42
C PHE A 174 2.10 19.89 -1.04
N ARG A 175 1.71 21.10 -0.67
CA ARG A 175 2.10 21.65 0.64
C ARG A 175 0.87 22.06 1.49
N PRO A 176 0.08 21.13 2.01
CA PRO A 176 -1.00 21.50 2.92
C PRO A 176 -0.50 22.28 4.13
N LYS A 177 -1.21 23.31 4.55
CA LYS A 177 -0.86 23.98 5.80
C LYS A 177 -0.93 22.97 6.99
N LEU A 178 -1.99 22.20 7.05
CA LEU A 178 -2.22 21.33 8.19
C LEU A 178 -3.35 20.35 7.93
N VAL A 179 -3.18 19.12 8.38
CA VAL A 179 -4.20 18.13 8.23
C VAL A 179 -4.67 17.65 9.58
N TYR A 180 -5.87 18.06 9.94
CA TYR A 180 -6.46 17.51 11.13
C TYR A 180 -7.00 16.06 10.92
N LEU A 181 -6.60 15.18 11.81
CA LEU A 181 -7.06 13.82 11.84
C LEU A 181 -8.09 13.69 12.96
N ILE A 182 -9.38 13.70 12.65
CA ILE A 182 -10.47 13.59 13.65
C ILE A 182 -11.28 12.27 13.64
N SER A 183 -10.98 11.43 14.62
CA SER A 183 -11.50 10.06 14.75
C SER A 183 -11.64 9.68 16.22
N PRO A 184 -12.38 8.63 16.48
CA PRO A 184 -12.30 8.00 17.79
C PRO A 184 -10.96 7.35 17.90
N GLN A 185 -10.58 7.06 19.12
CA GLN A 185 -9.27 6.58 19.48
C GLN A 185 -8.97 5.30 18.71
N LEU A 186 -9.99 4.47 18.62
CA LEU A 186 -9.95 3.20 17.93
C LEU A 186 -9.63 3.30 16.40
N LEU A 187 -10.19 4.31 15.74
CA LEU A 187 -10.09 4.44 14.31
C LEU A 187 -9.02 5.44 13.85
N ARG A 188 -7.89 5.43 14.54
CA ARG A 188 -6.83 6.38 14.22
C ARG A 188 -5.91 5.96 13.10
N ALA A 189 -5.35 6.91 12.37
CA ALA A 189 -4.44 6.56 11.27
C ALA A 189 -3.31 5.82 11.85
N ARG A 190 -2.86 4.82 11.13
CA ARG A 190 -1.82 3.95 11.60
C ARG A 190 -0.53 4.72 11.59
N LYS A 191 0.31 4.34 12.53
CA LYS A 191 1.66 4.83 12.63
C LYS A 191 2.44 4.79 11.28
N GLU A 192 2.40 3.66 10.55
CA GLU A 192 3.19 3.50 9.34
C GLU A 192 2.92 4.62 8.32
N ILE A 193 1.64 4.95 8.16
CA ILE A 193 1.16 5.92 7.20
C ILE A 193 1.52 7.31 7.66
N LEU A 194 1.34 7.64 8.94
CA LEU A 194 1.81 8.95 9.44
C LEU A 194 3.29 9.19 9.31
N ASP A 195 4.16 8.20 9.50
CA ASP A 195 5.60 8.41 9.26
C ASP A 195 5.97 8.67 7.79
N GLU A 196 5.08 8.37 6.84
CA GLU A 196 5.40 8.66 5.43
C GLU A 196 5.24 10.17 5.14
N LEU A 197 4.34 10.84 5.85
CA LEU A 197 3.92 12.19 5.45
C LEU A 197 5.00 13.23 5.68
N ASN A 198 4.98 14.26 4.85
CA ASN A 198 5.98 15.32 4.82
C ASN A 198 5.30 16.70 5.11
N TYR A 199 4.15 16.70 5.77
CA TYR A 199 3.37 17.91 6.06
C TYR A 199 2.77 17.73 7.48
N PRO A 200 2.40 18.82 8.12
CA PRO A 200 1.89 18.74 9.49
C PRO A 200 0.46 18.25 9.59
N VAL A 201 0.20 17.62 10.73
CA VAL A 201 -0.94 16.79 11.02
C VAL A 201 -1.21 16.92 12.50
N LYS A 202 -2.46 16.89 12.95
CA LYS A 202 -2.68 16.87 14.37
C LYS A 202 -3.91 16.04 14.69
N GLU A 203 -3.76 15.11 15.62
CA GLU A 203 -4.86 14.22 16.03
C GLU A 203 -5.79 14.94 17.03
N VAL A 204 -7.09 14.71 16.92
CA VAL A 204 -8.13 15.40 17.72
C VAL A 204 -9.40 14.55 17.82
N GLU A 205 -10.11 14.58 18.95
CA GLU A 205 -11.30 13.75 19.08
C GLU A 205 -12.62 14.43 18.71
N ASN A 206 -12.74 15.75 18.89
CA ASN A 206 -14.00 16.40 18.53
C ASN A 206 -13.83 17.56 17.47
N PRO A 207 -14.62 17.46 16.39
CA PRO A 207 -14.49 18.38 15.25
C PRO A 207 -14.92 19.81 15.57
N PHE A 208 -15.84 20.01 16.52
CA PHE A 208 -16.27 21.36 16.93
C PHE A 208 -15.11 22.13 17.54
N GLU A 209 -14.07 21.46 18.06
CA GLU A 209 -12.84 22.14 18.54
C GLU A 209 -12.17 23.01 17.43
N VAL A 210 -12.15 22.52 16.18
CA VAL A 210 -11.41 23.20 15.09
C VAL A 210 -12.19 23.41 13.77
N ILE A 211 -13.46 23.07 13.72
CA ILE A 211 -14.21 23.21 12.49
C ILE A 211 -14.08 24.60 11.81
N ASN A 212 -13.86 25.61 12.63
CA ASN A 212 -13.89 27.03 12.24
C ASN A 212 -12.68 27.37 11.36
N GLU A 213 -11.67 26.53 11.43
CA GLU A 213 -10.41 26.74 10.74
C GLU A 213 -10.24 26.04 9.37
N VAL A 214 -11.15 25.12 9.05
CA VAL A 214 -10.83 24.17 8.00
C VAL A 214 -11.40 24.53 6.63
N ASP A 215 -10.52 24.48 5.64
CA ASP A 215 -10.90 24.70 4.25
C ASP A 215 -11.70 23.55 3.64
N VAL A 216 -11.28 22.32 3.97
CA VAL A 216 -11.83 21.08 3.42
C VAL A 216 -12.10 20.08 4.55
N LEU A 217 -13.30 19.56 4.63
CA LEU A 217 -13.71 18.54 5.55
C LEU A 217 -14.07 17.32 4.69
N TYR A 218 -13.40 16.22 4.96
CA TYR A 218 -13.49 15.03 4.17
C TYR A 218 -13.92 14.00 5.16
N VAL A 219 -15.09 13.42 4.92
CA VAL A 219 -15.63 12.45 5.87
C VAL A 219 -15.72 11.01 5.34
N THR A 220 -15.47 10.09 6.24
CA THR A 220 -15.63 8.66 6.04
C THR A 220 -16.52 8.06 7.08
N ARG A 221 -17.40 7.15 6.68
CA ARG A 221 -18.24 6.36 7.54
C ARG A 221 -17.54 5.58 8.65
N ILE A 222 -18.12 5.62 9.84
CA ILE A 222 -17.79 4.66 10.90
C ILE A 222 -18.79 3.52 10.87
N GLN A 223 -18.24 2.32 10.90
CA GLN A 223 -19.06 1.14 10.84
C GLN A 223 -19.07 0.47 12.22
N LYS A 224 -20.28 0.01 12.57
CA LYS A 224 -20.58 -0.74 13.82
C LYS A 224 -19.61 -1.91 13.97
N GLU A 225 -19.27 -2.50 12.81
CA GLU A 225 -18.79 -3.86 12.69
C GLU A 225 -17.31 -3.93 13.02
N ARG A 226 -16.87 -3.04 13.92
CA ARG A 226 -15.50 -2.55 14.03
C ARG A 226 -15.20 -2.07 15.45
N PHE A 227 -16.02 -2.50 16.40
CA PHE A 227 -15.96 -1.92 17.71
C PHE A 227 -15.87 -2.94 18.85
N VAL A 228 -15.42 -2.45 20.00
CA VAL A 228 -15.42 -3.23 21.21
C VAL A 228 -16.81 -3.94 21.32
N ASP A 229 -17.85 -3.14 21.56
CA ASP A 229 -19.21 -3.63 21.55
C ASP A 229 -20.10 -2.57 20.91
N GLU A 230 -21.33 -2.96 20.62
CA GLU A 230 -22.33 -2.07 20.05
C GLU A 230 -22.53 -0.82 20.93
N MET A 231 -22.38 -0.86 22.26
CA MET A 231 -22.51 0.35 23.11
C MET A 231 -21.47 1.50 22.96
N GLU A 232 -20.25 1.16 22.58
CA GLU A 232 -19.15 2.13 22.40
C GLU A 232 -19.41 2.79 21.04
N TYR A 233 -19.79 1.98 20.06
CA TYR A 233 -20.24 2.53 18.79
C TYR A 233 -21.44 3.43 18.98
N GLU A 234 -22.53 3.00 19.60
CA GLU A 234 -23.68 3.90 19.78
C GLU A 234 -23.28 5.17 20.56
N LYS A 235 -22.32 5.14 21.48
CA LYS A 235 -21.94 6.35 22.23
C LYS A 235 -21.15 7.36 21.40
N ILE A 236 -20.44 6.91 20.37
CA ILE A 236 -19.42 7.68 19.65
C ILE A 236 -19.99 8.08 18.27
N LYS A 237 -20.64 7.15 17.59
CA LYS A 237 -21.22 7.41 16.27
C LYS A 237 -21.77 8.79 16.07
N GLY A 238 -22.51 9.32 17.06
CA GLY A 238 -23.22 10.57 16.87
C GLY A 238 -22.31 11.74 16.53
N SER A 239 -21.08 11.78 17.02
CA SER A 239 -20.28 13.00 16.89
C SER A 239 -19.20 13.01 15.79
N TYR A 240 -19.32 12.10 14.84
CA TYR A 240 -18.52 12.07 13.63
C TYR A 240 -19.44 12.09 12.38
N ILE A 241 -20.68 12.45 12.59
CA ILE A 241 -21.59 12.80 11.53
C ILE A 241 -21.35 14.26 11.16
N VAL A 242 -21.48 14.56 9.88
CA VAL A 242 -21.57 15.94 9.45
C VAL A 242 -23.05 16.34 9.62
N SER A 243 -23.32 17.06 10.73
CA SER A 243 -24.67 17.57 11.00
C SER A 243 -24.83 18.94 10.33
N LEU A 244 -26.08 19.36 10.13
CA LEU A 244 -26.35 20.71 9.65
C LEU A 244 -25.73 21.79 10.53
N ASP A 245 -25.70 21.57 11.84
CA ASP A 245 -25.03 22.49 12.76
C ASP A 245 -23.51 22.50 12.57
N LEU A 246 -22.86 21.36 12.29
CA LEU A 246 -21.39 21.40 12.13
C LEU A 246 -21.01 22.12 10.83
N ALA A 247 -21.81 21.90 9.78
CA ALA A 247 -21.77 22.69 8.52
C ALA A 247 -21.87 24.20 8.70
N ASN A 248 -22.74 24.67 9.59
CA ASN A 248 -22.97 26.11 9.76
C ASN A 248 -21.84 26.85 10.49
N LYS A 249 -21.09 26.10 11.28
CA LYS A 249 -19.93 26.62 11.96
C LYS A 249 -18.67 26.60 11.07
N MET A 250 -18.73 26.13 9.84
CA MET A 250 -17.55 26.22 8.96
C MET A 250 -17.50 27.57 8.25
N LYS A 251 -16.30 27.99 7.90
CA LYS A 251 -16.06 29.25 7.15
C LYS A 251 -16.91 29.44 5.88
N LYS A 252 -17.06 30.68 5.39
CA LYS A 252 -17.91 30.96 4.20
C LYS A 252 -17.42 30.16 2.97
N ASP A 253 -16.12 29.97 2.82
CA ASP A 253 -15.61 29.42 1.56
C ASP A 253 -15.25 27.91 1.54
N SER A 254 -15.60 27.20 2.61
CA SER A 254 -15.14 25.84 2.84
C SER A 254 -16.03 24.83 2.18
N ILE A 255 -15.49 23.64 1.98
CA ILE A 255 -16.18 22.55 1.34
C ILE A 255 -16.11 21.26 2.12
N ILE A 256 -17.16 20.48 1.95
CA ILE A 256 -17.40 19.17 2.55
C ILE A 256 -17.39 18.17 1.42
N LEU A 257 -16.61 17.14 1.63
CA LEU A 257 -16.31 16.10 0.66
C LEU A 257 -16.56 14.78 1.26
N HIS A 258 -17.01 13.84 0.43
CA HIS A 258 -17.23 12.45 0.81
C HIS A 258 -17.22 11.57 -0.43
N PRO A 259 -16.38 10.55 -0.45
CA PRO A 259 -16.38 9.59 -1.56
C PRO A 259 -17.58 8.61 -1.39
N LEU A 260 -18.53 8.77 -2.29
CA LEU A 260 -19.85 8.20 -2.11
C LEU A 260 -19.78 6.66 -2.32
N PRO A 261 -20.73 5.82 -1.99
CA PRO A 261 -22.02 6.16 -1.43
C PRO A 261 -21.94 6.55 0.03
N ARG A 262 -23.00 7.20 0.49
CA ARG A 262 -23.21 7.53 1.87
C ARG A 262 -24.35 6.67 2.37
N VAL A 263 -24.44 6.48 3.68
CA VAL A 263 -25.65 5.98 4.33
C VAL A 263 -26.26 7.12 5.18
N ASN A 264 -25.76 7.36 6.42
CA ASN A 264 -26.19 8.49 7.26
C ASN A 264 -25.08 9.23 8.01
N GLU A 265 -23.89 9.30 7.45
CA GLU A 265 -22.81 10.05 8.06
C GLU A 265 -22.85 11.56 7.71
N ILE A 266 -23.82 11.93 6.86
CA ILE A 266 -24.05 13.30 6.44
C ILE A 266 -25.55 13.56 6.57
N ASP A 267 -25.94 14.50 7.41
CA ASP A 267 -27.33 14.97 7.42
C ASP A 267 -27.73 15.41 6.00
N ARG A 268 -28.84 14.84 5.50
CA ARG A 268 -29.36 15.16 4.17
C ARG A 268 -29.78 16.60 3.99
N LYS A 269 -29.95 17.34 5.07
CA LYS A 269 -30.29 18.76 4.92
C LYS A 269 -29.07 19.54 4.38
N VAL A 270 -27.87 19.06 4.71
CA VAL A 270 -26.59 19.61 4.21
C VAL A 270 -26.51 19.69 2.66
N ASP A 271 -27.19 18.77 1.95
CA ASP A 271 -27.08 18.73 0.48
C ASP A 271 -27.66 19.96 -0.19
N LYS A 272 -28.28 20.84 0.58
CA LYS A 272 -28.91 22.06 0.05
C LYS A 272 -28.04 23.29 0.34
N THR A 273 -27.04 23.17 1.22
CA THR A 273 -26.08 24.26 1.45
C THR A 273 -25.07 24.38 0.31
N THR A 274 -24.47 25.57 0.15
CA THR A 274 -23.41 25.79 -0.86
C THR A 274 -22.07 25.08 -0.54
N LYS A 275 -21.87 24.62 0.71
CA LYS A 275 -20.62 23.99 1.17
C LYS A 275 -20.54 22.52 0.80
N ALA A 276 -21.71 21.89 0.65
CA ALA A 276 -21.80 20.51 0.14
C ALA A 276 -21.19 20.38 -1.26
N LYS A 277 -20.15 19.56 -1.40
CA LYS A 277 -19.47 19.44 -2.66
C LYS A 277 -19.30 17.99 -3.06
N TYR A 278 -20.02 17.05 -2.43
CA TYR A 278 -19.78 15.59 -2.68
C TYR A 278 -20.46 15.11 -3.95
N PHE A 279 -21.58 15.75 -4.28
CA PHE A 279 -22.25 15.56 -5.54
C PHE A 279 -21.39 15.97 -6.70
N GLU A 280 -20.78 17.14 -6.67
CA GLU A 280 -19.88 17.59 -7.72
C GLU A 280 -18.64 16.67 -7.79
N GLN A 281 -18.18 16.28 -6.62
CA GLN A 281 -17.07 15.39 -6.49
C GLN A 281 -17.31 14.05 -7.26
N ALA A 282 -18.45 13.41 -7.05
CA ALA A 282 -18.74 12.18 -7.80
C ALA A 282 -18.86 12.47 -9.30
N SER A 283 -19.25 13.69 -9.66
CA SER A 283 -19.49 14.04 -11.05
C SER A 283 -18.20 14.26 -11.80
N TYR A 284 -17.05 14.37 -11.14
CA TYR A 284 -15.78 14.59 -11.86
C TYR A 284 -15.12 13.25 -12.06
N GLY A 285 -15.67 12.23 -11.45
CA GLY A 285 -15.06 10.92 -11.57
C GLY A 285 -14.73 10.44 -12.97
N VAL A 286 -15.69 10.57 -13.88
CA VAL A 286 -15.48 10.17 -15.24
C VAL A 286 -14.39 11.01 -16.00
N PRO A 287 -14.47 12.34 -16.03
CA PRO A 287 -13.41 13.09 -16.73
C PRO A 287 -12.00 12.91 -16.10
N VAL A 288 -11.97 12.80 -14.79
CA VAL A 288 -10.68 12.53 -14.18
C VAL A 288 -10.13 11.15 -14.63
N ARG A 289 -10.99 10.15 -14.71
CA ARG A 289 -10.47 8.86 -15.12
C ARG A 289 -10.15 8.82 -16.60
N MET A 290 -10.92 9.52 -17.42
CA MET A 290 -10.56 9.77 -18.83
C MET A 290 -9.18 10.39 -18.92
N SER A 291 -8.83 11.31 -18.01
CA SER A 291 -7.57 12.00 -18.09
C SER A 291 -6.41 11.08 -17.72
N ILE A 292 -6.61 10.31 -16.64
CA ILE A 292 -5.61 9.34 -16.20
C ILE A 292 -5.42 8.35 -17.39
N LEU A 293 -6.51 8.01 -18.06
CA LEU A 293 -6.38 7.05 -19.15
C LEU A 293 -5.66 7.72 -20.31
N THR A 294 -5.90 8.99 -20.52
CA THR A 294 -5.22 9.67 -21.61
C THR A 294 -3.68 9.80 -21.38
N LYS A 295 -3.28 9.89 -20.12
CA LYS A 295 -1.89 10.03 -19.75
C LYS A 295 -1.21 8.68 -19.93
N ILE A 296 -1.91 7.59 -19.76
CA ILE A 296 -1.32 6.30 -19.98
C ILE A 296 -1.25 5.85 -21.41
N TYR A 297 -2.31 6.05 -22.19
CA TYR A 297 -2.46 5.54 -23.56
C TYR A 297 -2.29 6.53 -24.70
N GLY A 298 -2.50 7.83 -24.43
CA GLY A 298 -2.57 8.81 -25.46
C GLY A 298 -1.41 9.81 -25.42
N GLU A 299 -0.33 9.53 -24.69
CA GLU A 299 0.81 10.46 -24.77
C GLU A 299 2.13 9.78 -25.15
N MET B 15 35.35 -28.80 16.81
CA MET B 15 34.99 -30.24 17.04
C MET B 15 34.81 -31.04 15.70
N VAL B 16 34.76 -30.33 14.55
CA VAL B 16 34.71 -30.92 13.17
C VAL B 16 35.95 -30.61 12.24
N SER B 17 36.25 -31.53 11.32
CA SER B 17 37.44 -31.37 10.47
C SER B 17 37.48 -30.12 9.56
N LYS B 18 38.71 -29.78 9.16
CA LYS B 18 39.03 -28.66 8.27
C LYS B 18 38.56 -28.93 6.83
N ILE B 19 38.16 -27.86 6.19
CA ILE B 19 37.41 -27.93 4.96
C ILE B 19 38.40 -27.55 3.86
N LYS B 20 38.43 -28.28 2.73
CA LYS B 20 39.31 -27.93 1.59
C LYS B 20 38.74 -26.68 0.88
N ASN B 21 37.51 -26.77 0.40
CA ASN B 21 36.88 -25.64 -0.29
C ASN B 21 35.48 -25.38 0.24
N GLY B 22 35.20 -24.14 0.62
CA GLY B 22 33.82 -23.72 0.80
C GLY B 22 33.58 -22.68 1.85
N THR B 23 32.55 -22.85 2.64
CA THR B 23 32.13 -21.80 3.54
C THR B 23 32.09 -22.33 4.99
N VAL B 24 32.59 -21.52 5.92
CA VAL B 24 32.48 -21.78 7.33
C VAL B 24 31.72 -20.68 7.97
N ILE B 25 30.61 -21.02 8.61
CA ILE B 25 29.80 -20.06 9.36
C ILE B 25 29.98 -20.40 10.82
N ASP B 26 30.72 -19.59 11.53
CA ASP B 26 31.05 -19.77 12.94
C ASP B 26 30.25 -18.78 13.76
N HIS B 27 30.26 -18.93 15.10
CA HIS B 27 29.64 -17.98 16.03
C HIS B 27 28.08 -17.81 15.86
N ILE B 28 27.36 -18.86 15.50
CA ILE B 28 25.91 -18.84 15.47
C ILE B 28 25.42 -19.08 16.88
N PRO B 29 24.36 -18.39 17.36
CA PRO B 29 23.84 -18.70 18.69
C PRO B 29 23.59 -20.16 18.77
N ALA B 30 23.93 -20.69 19.95
CA ALA B 30 23.62 -22.07 20.25
C ALA B 30 22.14 -22.37 19.96
N GLY B 31 21.93 -23.43 19.22
CA GLY B 31 20.60 -23.88 18.78
C GLY B 31 20.11 -23.42 17.40
N ARG B 32 20.81 -22.50 16.77
CA ARG B 32 20.25 -21.88 15.57
C ARG B 32 20.90 -22.29 14.28
N ALA B 33 21.70 -23.33 14.29
CA ALA B 33 22.26 -23.78 13.05
C ALA B 33 21.22 -24.28 12.10
N PHE B 34 20.16 -24.93 12.58
CA PHE B 34 19.18 -25.51 11.63
C PHE B 34 18.48 -24.38 10.92
N ALA B 35 18.29 -23.29 11.64
CA ALA B 35 17.64 -22.10 11.11
C ALA B 35 18.51 -21.34 10.12
N VAL B 36 19.82 -21.37 10.29
CA VAL B 36 20.74 -20.82 9.32
C VAL B 36 20.66 -21.57 7.97
N LEU B 37 20.88 -22.86 7.92
CA LEU B 37 20.48 -23.67 6.74
C LEU B 37 19.12 -23.35 6.07
N ASN B 38 18.03 -23.23 6.81
CA ASN B 38 16.75 -22.83 6.22
C ASN B 38 16.89 -21.50 5.59
N VAL B 39 17.43 -20.53 6.28
CA VAL B 39 17.59 -19.20 5.76
C VAL B 39 18.42 -19.15 4.44
N LEU B 40 19.36 -20.08 4.24
CA LEU B 40 20.15 -20.19 3.02
C LEU B 40 19.52 -21.05 1.93
N GLY B 41 18.30 -21.58 2.12
CA GLY B 41 17.74 -22.57 1.21
C GLY B 41 18.38 -23.97 1.18
N ILE B 42 19.25 -24.31 2.11
CA ILE B 42 19.98 -25.59 2.05
C ILE B 42 19.32 -26.74 2.79
N LYS B 43 18.86 -27.70 2.00
CA LYS B 43 18.11 -28.90 2.42
C LYS B 43 17.34 -29.13 1.13
N GLU B 46 21.19 -30.00 -1.89
CA GLU B 46 21.51 -31.41 -2.10
C GLU B 46 22.57 -31.59 -3.16
N GLY B 47 23.48 -32.54 -2.89
CA GLY B 47 24.70 -32.74 -3.65
C GLY B 47 25.82 -32.70 -2.62
N PHE B 48 26.20 -31.46 -2.30
CA PHE B 48 27.26 -31.12 -1.32
C PHE B 48 27.03 -31.43 0.20
N ARG B 49 28.21 -31.73 0.70
CA ARG B 49 28.55 -32.10 2.02
C ARG B 49 28.37 -30.95 2.93
N ILE B 50 27.91 -31.24 4.14
CA ILE B 50 27.69 -30.24 5.16
C ILE B 50 28.07 -30.87 6.50
N ALA B 51 28.63 -30.03 7.34
CA ALA B 51 28.80 -30.43 8.71
C ALA B 51 28.40 -29.34 9.66
N LEU B 52 27.86 -29.78 10.79
CA LEU B 52 27.43 -28.92 11.86
C LEU B 52 27.98 -29.44 13.20
N VAL B 53 28.26 -28.53 14.11
CA VAL B 53 28.26 -28.86 15.50
C VAL B 53 27.32 -27.88 16.17
N ILE B 54 26.54 -28.39 17.11
CA ILE B 54 25.60 -27.59 17.89
C ILE B 54 25.92 -27.65 19.38
N ASN B 55 25.75 -26.52 20.06
CA ASN B 55 26.13 -26.36 21.45
C ASN B 55 27.56 -26.62 21.87
N VAL B 56 28.54 -26.22 21.10
CA VAL B 56 29.93 -26.33 21.52
C VAL B 56 30.33 -25.08 22.25
N ASP B 57 31.47 -25.14 22.96
CA ASP B 57 31.96 -23.99 23.76
C ASP B 57 32.47 -22.88 22.88
N SER B 58 32.20 -21.65 23.29
CA SER B 58 32.69 -20.44 22.67
C SER B 58 33.21 -19.60 23.78
N LYS B 59 34.43 -19.12 23.60
CA LYS B 59 35.03 -18.24 24.57
C LYS B 59 34.31 -16.91 24.71
N LYS B 60 33.73 -16.36 23.66
CA LYS B 60 32.99 -15.11 23.83
C LYS B 60 31.48 -15.30 23.97
N MET B 61 30.91 -16.38 23.47
CA MET B 61 29.43 -16.47 23.50
C MET B 61 28.82 -17.39 24.57
N GLY B 62 29.67 -18.16 25.27
CA GLY B 62 29.24 -19.23 26.16
C GLY B 62 29.14 -20.51 25.33
N LYS B 63 28.11 -20.53 24.50
CA LYS B 63 27.89 -21.61 23.58
C LYS B 63 27.61 -21.09 22.23
N LYS B 64 27.77 -21.98 21.28
CA LYS B 64 27.65 -21.66 19.89
C LYS B 64 27.42 -22.89 18.97
N ASP B 65 26.99 -22.61 17.74
CA ASP B 65 26.91 -23.56 16.64
C ASP B 65 27.90 -23.14 15.48
N ILE B 66 28.30 -24.13 14.69
CA ILE B 66 29.15 -23.97 13.54
C ILE B 66 28.65 -24.80 12.39
N VAL B 67 28.57 -24.20 11.22
CA VAL B 67 28.14 -24.85 9.99
C VAL B 67 29.27 -24.76 8.94
N LYS B 68 29.50 -25.83 8.20
CA LYS B 68 30.51 -25.89 7.18
C LYS B 68 29.83 -26.47 5.95
N ILE B 69 29.91 -25.77 4.81
CA ILE B 69 29.33 -26.19 3.55
C ILE B 69 30.48 -26.36 2.60
N GLU B 70 30.78 -27.59 2.21
CA GLU B 70 31.78 -27.85 1.20
C GLU B 70 31.23 -27.41 -0.12
N ASP B 71 32.13 -26.76 -0.88
CA ASP B 71 32.03 -26.59 -2.33
C ASP B 71 31.08 -25.53 -2.75
N LYS B 72 30.78 -24.66 -1.82
CA LYS B 72 29.88 -23.58 -2.07
C LYS B 72 30.46 -22.39 -1.33
N GLU B 73 30.76 -21.35 -2.10
CA GLU B 73 31.13 -20.08 -1.52
C GLU B 73 29.89 -19.18 -1.43
N ILE B 74 29.33 -19.01 -0.24
CA ILE B 74 28.15 -18.17 -0.01
C ILE B 74 28.35 -16.72 -0.43
N SER B 75 27.42 -16.17 -1.22
CA SER B 75 27.47 -14.75 -1.57
C SER B 75 27.22 -13.77 -0.38
N ASP B 76 27.57 -12.52 -0.55
CA ASP B 76 27.22 -11.53 0.45
C ASP B 76 25.70 -11.33 0.66
N THR B 77 24.95 -11.55 -0.43
CA THR B 77 23.53 -11.49 -0.39
C THR B 77 22.94 -12.57 0.48
N GLU B 78 23.22 -13.83 0.18
CA GLU B 78 22.80 -14.95 1.04
C GLU B 78 23.35 -14.78 2.46
N ALA B 79 24.54 -14.24 2.61
CA ALA B 79 25.12 -14.17 3.92
C ALA B 79 24.42 -13.11 4.79
N ASN B 80 24.05 -11.99 4.20
CA ASN B 80 23.34 -10.98 4.97
C ASN B 80 21.99 -11.46 5.53
N LEU B 81 21.38 -12.48 4.93
CA LEU B 81 20.16 -13.06 5.51
C LEU B 81 20.43 -13.75 6.84
N ILE B 82 21.64 -14.27 6.99
CA ILE B 82 22.06 -14.88 8.24
C ILE B 82 21.97 -13.91 9.40
N THR B 83 22.19 -12.61 9.17
CA THR B 83 22.06 -11.62 10.28
C THR B 83 20.69 -11.52 10.90
N LEU B 84 19.66 -11.92 10.19
CA LEU B 84 18.30 -11.88 10.73
C LEU B 84 18.11 -12.75 11.92
N ILE B 85 18.88 -13.81 11.98
CA ILE B 85 18.88 -14.67 13.19
C ILE B 85 20.21 -14.90 13.87
N ALA B 86 21.31 -14.70 13.19
CA ALA B 86 22.60 -14.82 13.82
C ALA B 86 23.46 -13.62 13.49
N PRO B 87 23.11 -12.45 14.05
CA PRO B 87 23.86 -11.20 13.79
C PRO B 87 25.33 -11.24 14.23
N THR B 88 25.69 -12.07 15.22
CA THR B 88 27.11 -12.26 15.61
C THR B 88 27.87 -13.21 14.67
N ALA B 89 27.23 -13.84 13.73
CA ALA B 89 27.94 -14.88 13.02
C ALA B 89 29.07 -14.28 12.18
N THR B 90 30.08 -15.09 11.87
CA THR B 90 31.18 -14.72 11.00
C THR B 90 31.22 -15.67 9.85
N ILE B 91 31.56 -15.24 8.64
CA ILE B 91 31.53 -16.11 7.51
C ILE B 91 32.90 -16.09 6.91
N ASN B 92 33.50 -17.24 6.70
CA ASN B 92 34.80 -17.37 6.05
C ASN B 92 34.66 -18.19 4.76
N ILE B 93 35.24 -17.72 3.65
CA ILE B 93 35.25 -18.49 2.43
C ILE B 93 36.65 -19.12 2.41
N VAL B 94 36.74 -20.40 2.06
CA VAL B 94 37.92 -21.21 2.13
C VAL B 94 38.27 -21.85 0.75
N ARG B 95 39.53 -21.69 0.33
CA ARG B 95 40.07 -22.31 -0.90
C ARG B 95 41.39 -23.02 -0.58
N GLU B 96 41.43 -24.33 -0.80
CA GLU B 96 42.67 -25.06 -0.59
C GLU B 96 43.13 -24.96 0.92
N TYR B 97 42.20 -25.07 1.89
CA TYR B 97 42.45 -24.95 3.36
C TYR B 97 42.71 -23.53 3.88
N GLU B 98 42.83 -22.57 2.99
CA GLU B 98 43.12 -21.20 3.35
C GLU B 98 41.89 -20.28 3.23
N VAL B 99 41.73 -19.45 4.26
CA VAL B 99 40.67 -18.44 4.26
C VAL B 99 41.02 -17.30 3.28
N VAL B 100 40.17 -17.09 2.28
CA VAL B 100 40.45 -16.09 1.26
C VAL B 100 39.53 -14.91 1.33
N LYS B 101 38.52 -14.98 2.18
CA LYS B 101 37.60 -13.85 2.43
C LYS B 101 36.89 -14.00 3.77
N LYS B 102 37.06 -13.04 4.67
CA LYS B 102 36.16 -12.88 5.85
C LYS B 102 35.06 -11.83 5.54
N THR B 103 33.89 -12.27 5.18
CA THR B 103 32.79 -11.40 4.80
C THR B 103 32.22 -10.52 5.93
N LYS B 104 31.99 -9.24 5.64
CA LYS B 104 31.41 -8.24 6.54
C LYS B 104 29.91 -8.27 6.39
N LEU B 105 29.19 -8.88 7.34
CA LEU B 105 27.71 -8.92 7.31
C LEU B 105 27.08 -7.53 7.48
N GLU B 106 26.09 -7.27 6.62
CA GLU B 106 25.20 -6.13 6.76
C GLU B 106 23.75 -6.57 6.87
N VAL B 107 22.90 -5.67 7.31
CA VAL B 107 21.48 -5.95 7.38
C VAL B 107 20.94 -5.92 5.94
N PRO B 108 20.12 -6.89 5.52
CA PRO B 108 19.68 -6.88 4.12
C PRO B 108 18.61 -5.80 3.90
N LYS B 109 18.61 -5.27 2.69
CA LYS B 109 17.67 -4.25 2.28
C LYS B 109 16.32 -4.83 2.03
N VAL B 110 16.28 -5.98 1.33
CA VAL B 110 15.10 -6.72 0.95
C VAL B 110 15.20 -8.20 1.35
N VAL B 111 14.05 -8.78 1.73
CA VAL B 111 13.94 -10.18 2.08
C VAL B 111 12.70 -10.73 1.43
N LYS B 112 12.89 -11.54 0.39
CA LYS B 112 11.81 -12.23 -0.30
C LYS B 112 11.76 -13.68 0.16
N GLY B 113 10.63 -14.30 0.49
CA GLY B 113 10.58 -15.75 0.73
C GLY B 113 10.69 -16.17 2.19
N ILE B 114 11.77 -15.77 2.85
CA ILE B 114 12.03 -16.26 4.19
C ILE B 114 10.93 -15.82 5.14
N LEU B 115 10.44 -14.59 5.02
CA LEU B 115 9.48 -14.04 5.99
C LEU B 115 8.09 -13.87 5.42
N LYS B 116 7.10 -14.33 6.14
CA LYS B 116 5.72 -14.12 5.81
C LYS B 116 5.13 -12.86 6.36
N CYS B 117 4.11 -12.37 5.72
CA CYS B 117 3.40 -11.18 6.22
C CYS B 117 2.25 -11.63 7.14
N PRO B 118 2.25 -11.06 8.32
CA PRO B 118 1.23 -11.41 9.32
C PRO B 118 -0.19 -10.89 9.03
N ASN B 119 -0.35 -10.10 7.98
CA ASN B 119 -1.66 -9.62 7.57
C ASN B 119 -2.32 -10.69 6.69
N PRO B 120 -3.38 -11.32 7.21
CA PRO B 120 -4.02 -12.40 6.44
C PRO B 120 -4.70 -11.89 5.19
N TYR B 121 -4.86 -10.58 5.04
CA TYR B 121 -5.52 -10.01 3.84
C TYR B 121 -4.49 -9.46 2.88
N CYS B 122 -3.21 -9.73 3.09
CA CYS B 122 -2.19 -9.30 2.14
C CYS B 122 -2.20 -10.28 1.03
N ILE B 123 -2.11 -9.83 -0.22
CA ILE B 123 -1.99 -10.70 -1.37
C ILE B 123 -0.91 -11.78 -1.20
N THR B 124 0.23 -11.47 -0.56
CA THR B 124 1.27 -12.49 -0.27
C THR B 124 0.88 -13.65 0.69
N SER B 125 -0.17 -13.44 1.46
CA SER B 125 -0.69 -14.43 2.42
C SER B 125 -1.76 -15.21 1.72
N ASN B 126 -2.06 -14.96 0.44
CA ASN B 126 -3.12 -15.68 -0.23
C ASN B 126 -2.84 -16.30 -1.61
N ASP B 127 -1.93 -15.75 -2.40
CA ASP B 127 -1.64 -16.20 -3.76
C ASP B 127 -0.24 -16.81 -3.64
N VAL B 128 -0.13 -18.09 -3.98
CA VAL B 128 1.17 -18.73 -4.03
C VAL B 128 2.21 -18.08 -4.90
N GLU B 129 1.85 -17.42 -6.00
CA GLU B 129 2.88 -16.85 -6.82
C GLU B 129 3.31 -15.49 -6.28
N ALA B 130 2.57 -14.99 -5.30
CA ALA B 130 2.84 -13.69 -4.73
C ALA B 130 3.81 -13.84 -3.57
N ILE B 131 5.08 -13.84 -3.83
CA ILE B 131 6.09 -14.13 -2.84
C ILE B 131 6.29 -12.95 -1.87
N PRO B 132 6.17 -13.22 -0.56
CA PRO B 132 6.39 -12.21 0.46
C PRO B 132 7.72 -11.45 0.33
N THR B 133 7.68 -10.12 0.42
CA THR B 133 8.82 -9.25 0.28
C THR B 133 8.73 -8.12 1.33
N PHE B 134 9.79 -7.99 2.11
CA PHE B 134 9.98 -6.94 3.14
C PHE B 134 11.18 -6.08 2.80
N LYS B 135 10.98 -4.78 2.85
CA LYS B 135 12.05 -3.84 2.73
C LYS B 135 12.31 -3.30 4.12
N THR B 136 13.58 -3.30 4.49
CA THR B 136 14.09 -2.74 5.72
C THR B 136 13.82 -1.24 5.79
N LEU B 137 13.27 -0.77 6.91
CA LEU B 137 12.86 0.61 7.05
C LEU B 137 13.90 1.33 7.92
N THR B 138 14.23 0.76 9.07
CA THR B 138 15.40 1.17 9.87
C THR B 138 16.25 -0.10 10.23
N GLU B 139 17.59 0.04 10.18
CA GLU B 139 18.55 -1.03 10.54
C GLU B 139 18.62 -1.19 12.05
N LYS B 140 18.35 -0.08 12.71
CA LYS B 140 18.92 0.33 14.01
C LYS B 140 18.36 -0.49 15.19
N PRO B 141 17.17 -0.17 15.73
CA PRO B 141 16.27 -1.28 16.08
C PRO B 141 15.66 -1.67 14.72
N LEU B 142 15.79 -2.93 14.30
CA LEU B 142 15.34 -3.35 12.99
C LEU B 142 13.81 -3.42 12.80
N LYS B 143 13.27 -2.61 11.88
CA LYS B 143 11.86 -2.67 11.46
C LYS B 143 11.85 -2.92 9.96
N MET B 144 11.00 -3.83 9.52
CA MET B 144 10.89 -4.07 8.10
C MET B 144 9.43 -3.93 7.68
N ARG B 145 9.21 -3.57 6.41
CA ARG B 145 7.87 -3.32 5.93
C ARG B 145 7.52 -4.09 4.72
N CYS B 146 6.34 -4.75 4.72
CA CYS B 146 5.76 -5.38 3.52
C CYS B 146 5.54 -4.43 2.34
N GLU B 147 6.12 -4.79 1.21
CA GLU B 147 6.00 -3.99 0.00
C GLU B 147 4.62 -4.01 -0.64
N TYR B 148 3.77 -4.97 -0.28
CA TYR B 148 2.42 -5.00 -0.79
C TYR B 148 1.41 -4.24 0.04
N CYS B 149 1.48 -4.43 1.36
CA CYS B 149 0.51 -3.86 2.29
C CYS B 149 1.04 -2.93 3.37
N GLU B 150 2.33 -2.70 3.45
CA GLU B 150 2.89 -1.74 4.42
C GLU B 150 2.83 -2.20 5.89
N THR B 151 2.48 -3.46 6.16
CA THR B 151 2.55 -3.96 7.52
C THR B 151 3.99 -3.99 7.98
N ILE B 152 4.23 -3.56 9.21
CA ILE B 152 5.57 -3.48 9.74
C ILE B 152 5.87 -4.68 10.63
N ILE B 153 7.08 -5.26 10.54
CA ILE B 153 7.53 -6.24 11.53
C ILE B 153 8.87 -5.86 12.18
N ASP B 154 9.01 -6.29 13.46
CA ASP B 154 10.18 -5.95 14.32
C ASP B 154 11.15 -7.19 14.50
N GLU B 155 12.31 -7.00 15.19
CA GLU B 155 13.27 -8.12 15.35
C GLU B 155 12.59 -9.33 15.99
N ASN B 156 11.71 -9.10 16.95
CA ASN B 156 11.00 -10.20 17.60
C ASN B 156 10.11 -11.01 16.68
N GLU B 157 9.39 -10.36 15.77
CA GLU B 157 8.51 -11.13 14.90
C GLU B 157 9.39 -11.83 13.93
N ILE B 158 10.45 -11.17 13.49
CA ILE B 158 11.38 -11.76 12.56
C ILE B 158 11.93 -13.04 13.13
N MET B 159 12.48 -12.95 14.32
CA MET B 159 13.12 -14.08 14.89
C MET B 159 12.13 -15.17 15.19
N SER B 160 10.90 -14.87 15.61
CA SER B 160 10.07 -16.05 15.81
C SER B 160 9.41 -16.62 14.57
N GLN B 161 9.41 -15.97 13.42
CA GLN B 161 9.09 -16.67 12.18
C GLN B 161 10.17 -17.68 11.80
N ILE B 162 11.42 -17.37 12.03
CA ILE B 162 12.48 -18.17 11.48
C ILE B 162 12.91 -19.28 12.42
N LEU B 163 12.95 -18.98 13.72
CA LEU B 163 13.26 -19.98 14.75
C LEU B 163 12.02 -20.84 15.04
N GLY B 164 11.02 -20.77 14.13
CA GLY B 164 9.92 -21.72 14.05
C GLY B 164 9.55 -22.04 12.59
ZN ZN C . 1.71 -7.71 3.51
#